data_4KBC
#
_entry.id   4KBC
#
_cell.length_a   56.580
_cell.length_b   118.140
_cell.length_c   61.220
_cell.angle_alpha   90.00
_cell.angle_beta   109.23
_cell.angle_gamma   90.00
#
_symmetry.space_group_name_H-M   'P 1 21 1'
#
loop_
_entity.id
_entity.type
_entity.pdbx_description
1 polymer 'Casein kinase I isoform delta'
2 non-polymer {4-[3-(4-fluorophenyl)-1H-pyrazol-4-yl]pyridin-2-yl}methanol
3 non-polymer 'SULFATE ION'
4 non-polymer 1,2-ETHANEDIOL
5 water water
#
_entity_poly.entity_id   1
_entity_poly.type   'polypeptide(L)'
_entity_poly.pdbx_seq_one_letter_code
;MELRVGNRYRLGRKIGSGSFGDIYLGTDIAAGEEVAIKLECVKTKHPQLHIESKIYKMMQGGVGIPTIRWCGAEGDYNVM
VMELLGPSLEDLFNFCSRKFSLKTVLLLADQMISRIEYIHSKNFIHRDVKPDNFLMGLGKKGNLVYIIDFGLAKKYRDAR
THQHIPYRENKNLTGTARYASINTHLGIEQSRRDDLESLGYVLMYFNLGSLPWQGLKAATKRQKYERISEKKMSTPIEVL
CKGYPSEFATYLNFCRSLRFDDKPDYSYLRQLFRNLFHRQGFSYDYVFDWNMLKFGASRAADDAERERRDREERLRH
;
_entity_poly.pdbx_strand_id   A,B
#
loop_
_chem_comp.id
_chem_comp.type
_chem_comp.name
_chem_comp.formula
1QJ non-polymer {4-[3-(4-fluorophenyl)-1H-pyrazol-4-yl]pyridin-2-yl}methanol 'C15 H12 F N3 O'
EDO non-polymer 1,2-ETHANEDIOL 'C2 H6 O2'
SO4 non-polymer 'SULFATE ION' 'O4 S -2'
#
# COMPACT_ATOMS: atom_id res chain seq x y z
N GLU A 2 -10.95 -48.27 -9.71
CA GLU A 2 -10.87 -48.37 -11.18
C GLU A 2 -10.59 -47.01 -11.86
N LEU A 3 -11.10 -45.89 -11.28
CA LEU A 3 -10.78 -44.55 -11.79
C LEU A 3 -9.41 -44.21 -11.20
N ARG A 4 -8.37 -44.31 -12.02
CA ARG A 4 -6.97 -44.08 -11.65
C ARG A 4 -6.26 -43.03 -12.52
N VAL A 5 -5.13 -42.52 -12.02
CA VAL A 5 -4.23 -41.63 -12.73
C VAL A 5 -2.87 -42.31 -12.71
N GLY A 6 -2.14 -42.23 -13.83
CA GLY A 6 -0.83 -42.87 -13.98
C GLY A 6 -0.96 -44.37 -13.85
N ASN A 7 -2.22 -44.88 -13.94
CA ASN A 7 -2.61 -46.28 -13.82
C ASN A 7 -2.29 -46.84 -12.41
N ARG A 8 -2.11 -45.95 -11.43
CA ARG A 8 -1.68 -46.38 -10.10
C ARG A 8 -2.38 -45.64 -8.95
N TYR A 9 -2.79 -44.41 -9.18
CA TYR A 9 -3.32 -43.60 -8.07
C TYR A 9 -4.82 -43.44 -8.18
N ARG A 10 -5.56 -44.10 -7.28
CA ARG A 10 -7.03 -44.10 -7.17
C ARG A 10 -7.46 -42.66 -6.91
N LEU A 11 -8.40 -42.11 -7.70
CA LEU A 11 -8.85 -40.73 -7.53
C LEU A 11 -9.94 -40.61 -6.45
N GLY A 12 -9.71 -39.72 -5.50
CA GLY A 12 -10.62 -39.50 -4.40
C GLY A 12 -11.29 -38.14 -4.45
N ARG A 13 -11.79 -37.67 -3.30
CA ARG A 13 -12.49 -36.39 -3.22
C ARG A 13 -11.65 -35.18 -3.69
N LYS A 14 -12.30 -34.23 -4.37
CA LYS A 14 -11.68 -32.96 -4.76
C LYS A 14 -11.64 -32.14 -3.47
N ILE A 15 -10.47 -31.62 -3.13
CA ILE A 15 -10.26 -30.85 -1.90
C ILE A 15 -10.04 -29.36 -2.17
N GLY A 16 -9.66 -29.02 -3.39
CA GLY A 16 -9.40 -27.64 -3.78
C GLY A 16 -9.66 -27.43 -5.25
N SER A 17 -10.20 -26.24 -5.60
CA SER A 17 -10.52 -25.89 -7.00
C SER A 17 -9.41 -25.11 -7.70
N ASP A 22 -6.98 -28.00 -10.11
CA ASP A 22 -7.81 -28.70 -9.11
C ASP A 22 -7.04 -29.78 -8.35
N ILE A 23 -7.28 -29.88 -7.05
CA ILE A 23 -6.56 -30.82 -6.18
C ILE A 23 -7.52 -31.87 -5.61
N TYR A 24 -7.13 -33.14 -5.72
CA TYR A 24 -7.89 -34.28 -5.23
C TYR A 24 -7.09 -35.11 -4.25
N LEU A 25 -7.80 -35.88 -3.41
CA LEU A 25 -7.20 -36.90 -2.56
C LEU A 25 -6.94 -38.06 -3.51
N GLY A 26 -5.94 -38.85 -3.21
CA GLY A 26 -5.63 -40.02 -4.00
C GLY A 26 -5.00 -41.09 -3.15
N THR A 27 -4.96 -42.32 -3.67
CA THR A 27 -4.32 -43.43 -3.00
C THR A 27 -3.48 -44.20 -4.00
N ASP A 28 -2.18 -44.33 -3.69
CA ASP A 28 -1.25 -45.14 -4.46
C ASP A 28 -1.65 -46.59 -4.19
N ILE A 29 -2.19 -47.27 -5.19
CA ILE A 29 -2.68 -48.65 -5.11
C ILE A 29 -1.53 -49.67 -4.88
N ALA A 30 -0.32 -49.35 -5.34
CA ALA A 30 0.84 -50.21 -5.15
C ALA A 30 1.31 -50.23 -3.67
N ALA A 31 1.61 -49.06 -3.10
CA ALA A 31 2.07 -48.85 -1.72
C ALA A 31 0.96 -48.79 -0.65
N GLY A 32 -0.23 -48.32 -1.02
CA GLY A 32 -1.31 -48.04 -0.08
C GLY A 32 -1.22 -46.62 0.46
N GLU A 33 -0.13 -45.90 0.11
CA GLU A 33 0.14 -44.53 0.54
C GLU A 33 -0.83 -43.49 -0.02
N GLU A 34 -1.18 -42.52 0.83
CA GLU A 34 -2.08 -41.42 0.52
C GLU A 34 -1.33 -40.35 -0.23
N VAL A 35 -1.95 -39.83 -1.32
CA VAL A 35 -1.32 -38.80 -2.15
C VAL A 35 -2.30 -37.65 -2.43
N ALA A 36 -1.78 -36.59 -3.04
CA ALA A 36 -2.55 -35.45 -3.49
C ALA A 36 -2.33 -35.40 -5.00
N ILE A 37 -3.41 -35.22 -5.73
CA ILE A 37 -3.41 -35.21 -7.20
C ILE A 37 -3.81 -33.84 -7.70
N LYS A 38 -2.97 -33.25 -8.53
CA LYS A 38 -3.29 -31.98 -9.17
C LYS A 38 -3.58 -32.22 -10.64
N LEU A 39 -4.72 -31.72 -11.09
CA LEU A 39 -5.18 -31.87 -12.48
C LEU A 39 -5.26 -30.53 -13.16
N GLU A 40 -4.81 -30.46 -14.41
CA GLU A 40 -4.88 -29.27 -15.27
C GLU A 40 -5.52 -29.68 -16.59
N CYS A 41 -6.64 -29.02 -16.95
CA CYS A 41 -7.32 -29.33 -18.23
C CYS A 41 -6.32 -29.14 -19.38
N VAL A 42 -6.13 -30.17 -20.22
CA VAL A 42 -5.17 -30.12 -21.35
C VAL A 42 -5.51 -28.95 -22.32
N LYS A 43 -6.81 -28.59 -22.40
CA LYS A 43 -7.32 -27.51 -23.24
C LYS A 43 -7.25 -26.11 -22.57
N THR A 44 -6.47 -25.93 -21.47
CA THR A 44 -6.34 -24.59 -20.85
C THR A 44 -5.56 -23.66 -21.75
N LYS A 45 -5.88 -22.35 -21.67
CA LYS A 45 -5.26 -21.28 -22.45
C LYS A 45 -3.74 -21.19 -22.24
N HIS A 46 -3.28 -21.20 -20.97
CA HIS A 46 -1.85 -21.12 -20.63
C HIS A 46 -1.36 -22.32 -19.76
N PRO A 47 -0.78 -23.36 -20.40
CA PRO A 47 -0.28 -24.52 -19.66
C PRO A 47 0.87 -24.16 -18.72
N GLN A 48 0.74 -24.60 -17.46
CA GLN A 48 1.63 -24.31 -16.34
C GLN A 48 2.12 -25.57 -15.59
N LEU A 49 1.33 -26.67 -15.60
CA LEU A 49 1.62 -27.85 -14.79
C LEU A 49 2.94 -28.54 -15.14
N HIS A 50 3.24 -28.70 -16.45
CA HIS A 50 4.50 -29.33 -16.89
C HIS A 50 5.72 -28.48 -16.48
N ILE A 51 5.59 -27.14 -16.60
CA ILE A 51 6.64 -26.20 -16.19
C ILE A 51 6.84 -26.30 -14.68
N GLU A 52 5.75 -26.27 -13.91
CA GLU A 52 5.78 -26.37 -12.44
C GLU A 52 6.41 -27.69 -11.95
N SER A 53 6.10 -28.83 -12.63
CA SER A 53 6.67 -30.16 -12.34
C SER A 53 8.20 -30.12 -12.42
N LYS A 54 8.73 -29.40 -13.42
CA LYS A 54 10.17 -29.26 -13.66
C LYS A 54 10.83 -28.53 -12.49
N ILE A 55 10.15 -27.50 -11.94
CA ILE A 55 10.66 -26.75 -10.79
C ILE A 55 10.71 -27.66 -9.56
N TYR A 56 9.62 -28.38 -9.29
CA TYR A 56 9.56 -29.31 -8.16
C TYR A 56 10.67 -30.33 -8.24
N LYS A 57 10.88 -30.90 -9.45
CA LYS A 57 11.93 -31.88 -9.71
C LYS A 57 13.33 -31.34 -9.39
N MET A 58 13.62 -30.09 -9.79
CA MET A 58 14.91 -29.42 -9.50
C MET A 58 15.12 -29.14 -7.98
N MET A 59 14.01 -29.05 -7.22
CA MET A 59 13.98 -28.77 -5.78
C MET A 59 14.11 -30.03 -4.91
N GLN A 60 13.86 -31.23 -5.49
CA GLN A 60 13.86 -32.53 -4.79
C GLN A 60 15.10 -32.74 -3.92
N GLY A 61 14.88 -33.24 -2.71
CA GLY A 61 15.95 -33.45 -1.76
C GLY A 61 16.09 -32.34 -0.72
N GLY A 62 15.48 -31.19 -0.99
CA GLY A 62 15.54 -30.08 -0.04
C GLY A 62 14.60 -30.30 1.13
N VAL A 63 14.99 -29.83 2.34
CA VAL A 63 14.14 -29.95 3.53
C VAL A 63 12.82 -29.24 3.30
N GLY A 64 11.70 -29.92 3.57
CA GLY A 64 10.37 -29.33 3.40
C GLY A 64 9.94 -29.06 1.97
N ILE A 65 10.50 -29.80 1.03
CA ILE A 65 10.12 -29.74 -0.39
C ILE A 65 9.33 -31.02 -0.58
N PRO A 66 8.05 -30.94 -0.97
CA PRO A 66 7.27 -32.17 -1.15
C PRO A 66 7.83 -33.05 -2.26
N THR A 67 7.67 -34.36 -2.13
CA THR A 67 8.10 -35.31 -3.14
C THR A 67 7.05 -35.37 -4.28
N ILE A 68 7.47 -35.23 -5.55
CA ILE A 68 6.63 -35.41 -6.73
C ILE A 68 6.78 -36.88 -7.15
N ARG A 69 5.68 -37.64 -7.13
CA ARG A 69 5.60 -39.09 -7.38
C ARG A 69 5.34 -39.44 -8.83
N TRP A 70 4.57 -38.60 -9.53
CA TRP A 70 4.19 -38.88 -10.91
C TRP A 70 3.77 -37.60 -11.61
N CYS A 71 4.00 -37.53 -12.93
CA CYS A 71 3.46 -36.48 -13.77
C CYS A 71 3.36 -36.93 -15.22
N GLY A 72 2.29 -36.51 -15.87
CA GLY A 72 2.01 -36.89 -17.25
C GLY A 72 0.65 -36.46 -17.73
N ALA A 73 0.36 -36.68 -19.01
CA ALA A 73 -0.93 -36.35 -19.63
C ALA A 73 -1.71 -37.63 -19.78
N GLU A 74 -2.96 -37.59 -19.34
CA GLU A 74 -3.87 -38.72 -19.37
C GLU A 74 -5.24 -38.18 -19.72
N GLY A 75 -5.75 -38.62 -20.87
CA GLY A 75 -7.06 -38.18 -21.35
C GLY A 75 -7.14 -36.67 -21.50
N ASP A 76 -8.10 -36.04 -20.82
CA ASP A 76 -8.32 -34.59 -20.88
C ASP A 76 -7.43 -33.76 -19.92
N TYR A 77 -6.54 -34.41 -19.14
CA TYR A 77 -5.72 -33.69 -18.18
C TYR A 77 -4.21 -33.93 -18.18
N ASN A 78 -3.49 -32.90 -17.74
CA ASN A 78 -2.10 -32.96 -17.33
C ASN A 78 -2.23 -33.26 -15.83
N VAL A 79 -1.50 -34.29 -15.35
CA VAL A 79 -1.55 -34.82 -14.00
C VAL A 79 -0.19 -34.67 -13.30
N MET A 80 -0.24 -34.32 -12.01
CA MET A 80 0.92 -34.29 -11.12
C MET A 80 0.47 -34.88 -9.78
N VAL A 81 1.22 -35.87 -9.30
CA VAL A 81 0.93 -36.55 -8.05
C VAL A 81 2.01 -36.20 -7.03
N MET A 82 1.60 -35.76 -5.84
CA MET A 82 2.51 -35.38 -4.79
C MET A 82 2.20 -36.20 -3.54
N GLU A 83 3.19 -36.37 -2.62
CA GLU A 83 2.94 -37.00 -1.33
C GLU A 83 1.90 -36.14 -0.60
N LEU A 84 1.03 -36.78 0.19
CA LEU A 84 0.01 -36.05 0.93
C LEU A 84 0.68 -35.29 2.09
N LEU A 85 0.29 -34.04 2.29
CA LEU A 85 0.77 -33.23 3.41
C LEU A 85 -0.41 -32.87 4.31
N GLY A 86 -0.11 -32.16 5.40
CA GLY A 86 -1.10 -31.68 6.35
C GLY A 86 -1.76 -30.39 5.92
N PRO A 87 -2.48 -29.72 6.85
CA PRO A 87 -3.15 -28.45 6.49
C PRO A 87 -2.14 -27.32 6.27
N SER A 88 -2.60 -26.28 5.58
CA SER A 88 -1.78 -25.11 5.32
C SER A 88 -1.77 -24.24 6.58
N LEU A 89 -0.84 -23.28 6.64
CA LEU A 89 -0.77 -22.32 7.74
C LEU A 89 -2.00 -21.42 7.73
N GLU A 90 -2.63 -21.21 6.56
CA GLU A 90 -3.86 -20.40 6.49
C GLU A 90 -5.00 -21.18 7.16
N ASP A 91 -5.13 -22.50 6.85
CA ASP A 91 -6.14 -23.40 7.42
C ASP A 91 -5.92 -23.44 8.93
N LEU A 92 -4.66 -23.57 9.37
CA LEU A 92 -4.34 -23.62 10.81
C LEU A 92 -4.62 -22.30 11.51
N PHE A 93 -4.32 -21.18 10.85
CA PHE A 93 -4.59 -19.85 11.39
C PHE A 93 -6.09 -19.67 11.61
N ASN A 94 -6.94 -20.04 10.62
CA ASN A 94 -8.41 -19.93 10.79
C ASN A 94 -8.92 -20.87 11.86
N PHE A 95 -8.32 -22.08 11.93
CA PHE A 95 -8.64 -23.08 12.94
C PHE A 95 -8.35 -22.55 14.36
N CYS A 96 -7.30 -21.74 14.53
CA CYS A 96 -6.90 -21.08 15.77
C CYS A 96 -7.61 -19.70 15.95
N SER A 97 -8.70 -19.45 15.22
CA SER A 97 -9.47 -18.19 15.29
C SER A 97 -8.63 -16.93 14.94
N ARG A 98 -7.67 -17.10 14.01
CA ARG A 98 -6.83 -16.05 13.48
C ARG A 98 -6.01 -15.36 14.57
N LYS A 99 -5.52 -16.15 15.48
CA LYS A 99 -4.61 -15.66 16.48
C LYS A 99 -3.60 -16.71 16.82
N PHE A 100 -2.39 -16.37 16.52
CA PHE A 100 -1.19 -17.14 16.81
C PHE A 100 -0.43 -16.40 17.92
N SER A 101 0.12 -17.15 18.84
CA SER A 101 0.92 -16.63 19.94
C SER A 101 2.28 -16.28 19.34
N LEU A 102 3.05 -15.42 20.01
CA LEU A 102 4.41 -15.10 19.57
C LEU A 102 5.28 -16.37 19.37
N LYS A 103 5.23 -17.34 20.28
CA LYS A 103 6.00 -18.58 20.19
C LYS A 103 5.75 -19.32 18.84
N THR A 104 4.49 -19.53 18.48
CA THR A 104 4.13 -20.19 17.22
C THR A 104 4.66 -19.37 16.01
N VAL A 105 4.50 -18.05 16.05
CA VAL A 105 4.98 -17.17 14.95
C VAL A 105 6.50 -17.35 14.76
N LEU A 106 7.26 -17.43 15.87
CA LEU A 106 8.72 -17.57 15.82
C LEU A 106 9.16 -18.94 15.34
N LEU A 107 8.46 -20.01 15.78
CA LEU A 107 8.75 -21.37 15.34
C LEU A 107 8.53 -21.46 13.80
N LEU A 108 7.44 -20.83 13.33
CA LEU A 108 7.12 -20.82 11.91
C LEU A 108 8.10 -19.98 11.12
N ALA A 109 8.45 -18.77 11.62
CA ALA A 109 9.39 -17.85 10.97
C ALA A 109 10.72 -18.54 10.67
N ASP A 110 11.25 -19.30 11.64
CA ASP A 110 12.53 -19.99 11.50
C ASP A 110 12.57 -20.92 10.29
N GLN A 111 11.54 -21.73 10.14
CA GLN A 111 11.45 -22.70 9.04
C GLN A 111 11.10 -22.01 7.72
N MET A 112 10.21 -21.01 7.75
CA MET A 112 9.80 -20.30 6.52
C MET A 112 10.95 -19.57 5.85
N ILE A 113 11.85 -18.93 6.66
CA ILE A 113 13.04 -18.26 6.12
C ILE A 113 13.94 -19.30 5.41
N SER A 114 14.18 -20.47 6.04
CA SER A 114 14.99 -21.57 5.48
C SER A 114 14.40 -22.15 4.21
N ARG A 115 13.05 -22.27 4.12
CA ARG A 115 12.42 -22.78 2.90
C ARG A 115 12.66 -21.83 1.74
N ILE A 116 12.51 -20.51 1.99
CA ILE A 116 12.72 -19.47 1.00
C ILE A 116 14.19 -19.49 0.60
N GLU A 117 15.11 -19.60 1.58
CA GLU A 117 16.55 -19.65 1.31
C GLU A 117 16.88 -20.83 0.39
N TYR A 118 16.28 -22.00 0.67
CA TYR A 118 16.52 -23.19 -0.15
C TYR A 118 16.09 -23.00 -1.62
N ILE A 119 14.89 -22.45 -1.85
CA ILE A 119 14.40 -22.15 -3.22
C ILE A 119 15.41 -21.23 -3.93
N HIS A 120 15.89 -20.18 -3.24
CA HIS A 120 16.86 -19.22 -3.76
C HIS A 120 18.19 -19.89 -4.08
N SER A 121 18.63 -20.87 -3.26
CA SER A 121 19.89 -21.60 -3.48
C SER A 121 19.79 -22.45 -4.77
N LYS A 122 18.56 -22.80 -5.17
CA LYS A 122 18.26 -23.58 -6.37
C LYS A 122 17.88 -22.67 -7.53
N ASN A 123 18.27 -21.36 -7.46
CA ASN A 123 18.17 -20.32 -8.50
C ASN A 123 16.77 -19.82 -8.84
N PHE A 124 15.76 -20.07 -7.97
CA PHE A 124 14.41 -19.60 -8.20
C PHE A 124 13.94 -18.64 -7.13
N ILE A 125 12.99 -17.77 -7.48
CA ILE A 125 12.24 -16.94 -6.55
C ILE A 125 10.82 -17.51 -6.61
N HIS A 126 10.13 -17.57 -5.47
CA HIS A 126 8.80 -18.15 -5.39
C HIS A 126 7.73 -17.22 -5.95
N ARG A 127 7.78 -15.93 -5.54
CA ARG A 127 6.93 -14.83 -5.97
C ARG A 127 5.48 -14.88 -5.46
N ASP A 128 5.12 -15.89 -4.65
CA ASP A 128 3.76 -15.92 -4.08
C ASP A 128 3.79 -16.47 -2.67
N VAL A 129 4.64 -15.85 -1.83
CA VAL A 129 4.83 -16.20 -0.40
C VAL A 129 3.57 -15.75 0.32
N LYS A 130 2.80 -16.74 0.80
CA LYS A 130 1.52 -16.54 1.47
C LYS A 130 1.24 -17.70 2.40
N PRO A 131 0.39 -17.55 3.45
CA PRO A 131 0.16 -18.68 4.40
C PRO A 131 -0.36 -19.96 3.74
N ASP A 132 -1.15 -19.81 2.69
CA ASP A 132 -1.76 -20.89 1.93
C ASP A 132 -0.70 -21.79 1.26
N ASN A 133 0.52 -21.26 1.04
CA ASN A 133 1.60 -21.96 0.34
C ASN A 133 2.60 -22.64 1.27
N PHE A 134 2.27 -22.76 2.53
CA PHE A 134 3.11 -23.46 3.53
C PHE A 134 2.22 -24.48 4.20
N LEU A 135 2.62 -25.77 4.19
CA LEU A 135 1.80 -26.84 4.76
C LEU A 135 2.60 -27.57 5.81
N MET A 136 1.95 -28.11 6.84
CA MET A 136 2.65 -28.92 7.84
C MET A 136 2.73 -30.34 7.30
N GLY A 137 3.74 -31.09 7.70
CA GLY A 137 3.86 -32.48 7.30
C GLY A 137 2.91 -33.35 8.10
N LEU A 138 2.98 -34.67 7.84
CA LEU A 138 2.17 -35.69 8.50
C LEU A 138 3.05 -36.56 9.38
N GLY A 139 2.42 -37.19 10.38
CA GLY A 139 3.06 -38.11 11.31
C GLY A 139 4.31 -37.55 11.93
N LYS A 140 5.42 -38.24 11.66
CA LYS A 140 6.77 -37.90 12.13
C LYS A 140 7.25 -36.56 11.63
N LYS A 141 6.75 -36.13 10.46
CA LYS A 141 7.09 -34.84 9.88
C LYS A 141 6.04 -33.77 10.19
N GLY A 142 5.23 -34.01 11.24
CA GLY A 142 4.18 -33.08 11.71
C GLY A 142 4.65 -31.71 12.15
N ASN A 143 5.94 -31.58 12.47
CA ASN A 143 6.55 -30.30 12.93
C ASN A 143 7.33 -29.61 11.83
N LEU A 144 7.33 -30.20 10.63
CA LEU A 144 8.05 -29.71 9.47
C LEU A 144 7.12 -28.87 8.63
N VAL A 145 7.57 -27.66 8.31
CA VAL A 145 6.86 -26.72 7.45
C VAL A 145 7.35 -26.99 6.01
N TYR A 146 6.42 -27.23 5.09
CA TYR A 146 6.74 -27.45 3.68
C TYR A 146 6.31 -26.22 2.89
N ILE A 147 7.01 -25.95 1.81
CA ILE A 147 6.63 -24.88 0.88
C ILE A 147 6.10 -25.56 -0.38
N ILE A 148 5.03 -25.00 -0.97
CA ILE A 148 4.38 -25.55 -2.17
C ILE A 148 4.09 -24.43 -3.16
N ASP A 149 3.54 -24.85 -4.32
CA ASP A 149 3.07 -23.99 -5.41
CA ASP A 149 3.08 -24.01 -5.43
C ASP A 149 4.18 -23.17 -6.07
N PHE A 150 4.75 -23.72 -7.14
CA PHE A 150 5.79 -23.09 -7.93
C PHE A 150 5.25 -22.55 -9.24
N GLY A 151 3.92 -22.36 -9.28
CA GLY A 151 3.21 -21.89 -10.48
C GLY A 151 3.62 -20.51 -10.95
N LEU A 152 4.10 -19.66 -10.03
CA LEU A 152 4.51 -18.29 -10.33
C LEU A 152 6.00 -18.09 -10.15
N ALA A 153 6.71 -19.17 -9.80
CA ALA A 153 8.15 -19.17 -9.59
C ALA A 153 8.92 -18.86 -10.87
N LYS A 154 10.01 -18.11 -10.73
CA LYS A 154 10.83 -17.70 -11.85
C LYS A 154 12.29 -17.92 -11.50
N LYS A 155 13.10 -18.29 -12.48
CA LYS A 155 14.54 -18.40 -12.30
C LYS A 155 15.09 -16.95 -12.21
N TYR A 156 15.83 -16.61 -11.14
CA TYR A 156 16.34 -15.25 -11.00
C TYR A 156 17.82 -15.15 -11.34
N ARG A 157 18.48 -16.31 -11.51
CA ARG A 157 19.91 -16.35 -11.83
C ARG A 157 20.25 -17.58 -12.64
N ASP A 158 21.33 -17.46 -13.45
CA ASP A 158 21.84 -18.55 -14.26
C ASP A 158 22.41 -19.65 -13.35
N ALA A 159 22.06 -20.91 -13.60
CA ALA A 159 22.51 -22.06 -12.82
C ALA A 159 24.04 -22.18 -12.73
N ARG A 160 24.73 -21.91 -13.85
CA ARG A 160 26.18 -22.00 -14.05
C ARG A 160 27.00 -20.79 -13.53
N THR A 161 26.67 -19.58 -14.00
CA THR A 161 27.40 -18.34 -13.71
C THR A 161 26.87 -17.55 -12.52
N HIS A 162 25.61 -17.80 -12.10
CA HIS A 162 24.91 -17.06 -11.04
C HIS A 162 24.68 -15.60 -11.44
N GLN A 163 24.67 -15.32 -12.77
CA GLN A 163 24.39 -13.98 -13.27
C GLN A 163 22.92 -13.74 -12.98
N HIS A 164 22.62 -12.66 -12.23
CA HIS A 164 21.26 -12.29 -11.82
C HIS A 164 20.50 -11.80 -13.05
N ILE A 165 19.17 -12.02 -13.08
CA ILE A 165 18.32 -11.53 -14.17
C ILE A 165 18.37 -9.99 -14.14
N PRO A 166 18.20 -9.30 -15.29
CA PRO A 166 18.29 -7.84 -15.26
C PRO A 166 17.13 -7.13 -14.56
N TYR A 167 17.37 -5.88 -14.13
CA TYR A 167 16.34 -5.04 -13.53
C TYR A 167 15.37 -4.68 -14.64
N ARG A 168 14.09 -4.75 -14.36
CA ARG A 168 13.06 -4.46 -15.33
C ARG A 168 11.89 -3.82 -14.56
N GLU A 169 11.13 -2.93 -15.22
CA GLU A 169 9.97 -2.25 -14.64
C GLU A 169 8.73 -2.66 -15.46
N ASN A 170 7.55 -2.11 -15.13
CA ASN A 170 6.28 -2.35 -15.84
C ASN A 170 5.84 -3.82 -15.84
N LYS A 171 6.06 -4.50 -14.70
CA LYS A 171 5.67 -5.90 -14.51
C LYS A 171 4.28 -5.97 -13.90
N ASN A 172 3.47 -6.96 -14.32
CA ASN A 172 2.12 -7.18 -13.78
C ASN A 172 2.26 -7.73 -12.36
N LEU A 173 1.24 -7.54 -11.51
CA LEU A 173 1.30 -8.09 -10.15
C LEU A 173 1.17 -9.62 -10.22
N THR A 174 2.30 -10.32 -10.03
CA THR A 174 2.34 -11.79 -9.99
C THR A 174 2.45 -12.19 -8.53
N GLY A 175 1.28 -12.55 -7.96
CA GLY A 175 1.13 -12.96 -6.57
C GLY A 175 -0.16 -12.46 -5.96
N THR A 176 -0.23 -12.53 -4.64
CA THR A 176 -1.39 -12.07 -3.87
C THR A 176 -1.09 -10.64 -3.43
N ALA A 177 -2.00 -9.69 -3.74
CA ALA A 177 -1.85 -8.27 -3.39
C ALA A 177 -1.63 -8.08 -1.88
N ARG A 178 -2.38 -8.81 -1.04
CA ARG A 178 -2.24 -8.65 0.40
C ARG A 178 -0.77 -8.80 0.88
N TYR A 179 0.01 -9.72 0.28
CA TYR A 179 1.39 -9.95 0.74
C TYR A 179 2.45 -9.45 -0.18
N ALA A 180 2.09 -8.84 -1.32
CA ALA A 180 3.09 -8.36 -2.27
C ALA A 180 3.99 -7.28 -1.67
N SER A 181 5.28 -7.30 -2.04
CA SER A 181 6.23 -6.28 -1.58
C SER A 181 5.84 -4.95 -2.25
N ILE A 182 6.28 -3.81 -1.69
CA ILE A 182 6.03 -2.48 -2.29
C ILE A 182 6.59 -2.41 -3.74
N ASN A 183 7.79 -2.99 -3.98
CA ASN A 183 8.41 -3.10 -5.31
C ASN A 183 7.47 -3.77 -6.31
N THR A 184 6.75 -4.80 -5.86
CA THR A 184 5.83 -5.52 -6.74
C THR A 184 4.68 -4.62 -7.14
N HIS A 185 4.15 -3.85 -6.14
CA HIS A 185 3.08 -2.87 -6.38
C HIS A 185 3.50 -1.80 -7.38
N LEU A 186 4.80 -1.45 -7.37
CA LEU A 186 5.39 -0.49 -8.27
C LEU A 186 5.71 -1.09 -9.65
N GLY A 187 5.48 -2.39 -9.84
CA GLY A 187 5.74 -3.05 -11.11
C GLY A 187 7.21 -3.37 -11.36
N ILE A 188 8.03 -3.40 -10.29
CA ILE A 188 9.47 -3.70 -10.40
C ILE A 188 9.62 -5.21 -10.47
N GLU A 189 10.55 -5.71 -11.33
CA GLU A 189 10.87 -7.14 -11.44
C GLU A 189 11.16 -7.67 -10.03
N GLN A 190 10.52 -8.78 -9.65
CA GLN A 190 10.71 -9.38 -8.33
C GLN A 190 12.07 -10.06 -8.25
N SER A 191 12.63 -10.11 -7.03
CA SER A 191 13.91 -10.72 -6.76
C SER A 191 13.88 -11.33 -5.37
N ARG A 192 15.03 -11.82 -4.87
CA ARG A 192 15.11 -12.50 -3.57
C ARG A 192 14.51 -11.71 -2.40
N ARG A 193 14.72 -10.39 -2.40
CA ARG A 193 14.21 -9.47 -1.37
C ARG A 193 12.69 -9.48 -1.23
N ASP A 194 11.97 -9.62 -2.37
CA ASP A 194 10.51 -9.57 -2.40
C ASP A 194 9.89 -10.78 -1.76
N ASP A 195 10.48 -11.99 -1.93
CA ASP A 195 10.00 -13.20 -1.23
C ASP A 195 10.12 -13.00 0.27
N LEU A 196 11.23 -12.43 0.73
CA LEU A 196 11.46 -12.20 2.16
C LEU A 196 10.58 -11.09 2.72
N GLU A 197 10.33 -10.03 1.94
CA GLU A 197 9.45 -8.93 2.39
C GLU A 197 8.02 -9.46 2.55
N SER A 198 7.56 -10.27 1.57
CA SER A 198 6.24 -10.93 1.64
C SER A 198 6.16 -11.77 2.90
N LEU A 199 7.21 -12.54 3.22
CA LEU A 199 7.23 -13.32 4.45
C LEU A 199 7.04 -12.39 5.67
N GLY A 200 7.70 -11.24 5.69
CA GLY A 200 7.52 -10.25 6.76
C GLY A 200 6.08 -9.85 6.98
N TYR A 201 5.29 -9.68 5.89
CA TYR A 201 3.86 -9.34 5.98
C TYR A 201 3.07 -10.50 6.51
N VAL A 202 3.42 -11.73 6.09
CA VAL A 202 2.76 -12.96 6.55
C VAL A 202 2.95 -13.06 8.09
N LEU A 203 4.17 -12.81 8.59
CA LEU A 203 4.44 -12.89 10.03
C LEU A 203 3.66 -11.82 10.77
N MET A 204 3.55 -10.61 10.21
CA MET A 204 2.75 -9.57 10.87
C MET A 204 1.27 -9.88 10.82
N TYR A 205 0.79 -10.53 9.72
CA TYR A 205 -0.60 -10.98 9.59
C TYR A 205 -0.87 -12.02 10.71
N PHE A 206 0.07 -12.93 10.96
CA PHE A 206 -0.06 -13.92 12.03
C PHE A 206 -0.10 -13.26 13.38
N ASN A 207 0.76 -12.24 13.59
CA ASN A 207 0.81 -11.50 14.86
C ASN A 207 -0.47 -10.75 15.14
N LEU A 208 -0.93 -9.99 14.15
CA LEU A 208 -2.11 -9.12 14.24
C LEU A 208 -3.46 -9.78 14.09
N GLY A 209 -3.57 -10.81 13.26
CA GLY A 209 -4.87 -11.42 12.96
C GLY A 209 -5.41 -10.94 11.62
N SER A 210 -4.88 -9.81 11.15
CA SER A 210 -5.25 -9.18 9.87
C SER A 210 -4.20 -8.13 9.54
N LEU A 211 -4.16 -7.66 8.30
CA LEU A 211 -3.24 -6.59 7.89
C LEU A 211 -4.02 -5.28 7.70
N PRO A 212 -3.41 -4.09 7.92
CA PRO A 212 -4.16 -2.83 7.78
C PRO A 212 -4.70 -2.56 6.37
N TRP A 213 -4.20 -3.25 5.33
CA TRP A 213 -4.65 -3.04 3.93
C TRP A 213 -5.59 -4.14 3.47
N GLN A 214 -6.00 -4.97 4.41
CA GLN A 214 -6.93 -6.07 4.20
C GLN A 214 -8.38 -5.56 4.37
N GLY A 215 -9.30 -6.12 3.60
CA GLY A 215 -10.71 -5.78 3.66
C GLY A 215 -11.06 -4.40 3.14
N LEU A 216 -10.24 -3.85 2.22
CA LEU A 216 -10.50 -2.55 1.59
C LEU A 216 -11.47 -2.74 0.45
N LYS A 217 -12.44 -1.86 0.36
CA LYS A 217 -13.50 -1.93 -0.64
C LYS A 217 -13.26 -0.98 -1.81
N ALA A 218 -13.47 -1.48 -3.03
CA ALA A 218 -13.36 -0.71 -4.28
C ALA A 218 -14.29 -1.28 -5.36
N ALA A 219 -14.62 -0.48 -6.39
CA ALA A 219 -15.51 -0.87 -7.49
C ALA A 219 -14.97 -1.97 -8.39
N THR A 220 -13.64 -2.05 -8.58
CA THR A 220 -12.98 -3.04 -9.45
C THR A 220 -11.75 -3.62 -8.78
N LYS A 221 -11.21 -4.71 -9.34
CA LYS A 221 -9.99 -5.35 -8.85
C LYS A 221 -8.85 -4.33 -8.93
N ARG A 222 -8.77 -3.60 -10.06
CA ARG A 222 -7.76 -2.60 -10.36
C ARG A 222 -7.70 -1.52 -9.29
N GLN A 223 -8.85 -0.93 -8.94
CA GLN A 223 -8.95 0.10 -7.92
C GLN A 223 -8.65 -0.49 -6.56
N LYS A 224 -8.98 -1.78 -6.36
CA LYS A 224 -8.70 -2.46 -5.09
C LYS A 224 -7.19 -2.58 -4.88
N TYR A 225 -6.43 -3.01 -5.90
CA TYR A 225 -4.96 -3.17 -5.82
C TYR A 225 -4.27 -1.83 -5.58
N GLU A 226 -4.82 -0.71 -6.15
CA GLU A 226 -4.32 0.66 -5.95
C GLU A 226 -4.46 1.06 -4.50
N ARG A 227 -5.63 0.76 -3.89
CA ARG A 227 -5.94 1.06 -2.50
C ARG A 227 -5.05 0.30 -1.54
N ILE A 228 -4.78 -1.00 -1.84
CA ILE A 228 -3.90 -1.85 -1.05
C ILE A 228 -2.47 -1.27 -1.17
N SER A 229 -2.02 -0.97 -2.40
CA SER A 229 -0.70 -0.40 -2.68
C SER A 229 -0.48 0.89 -1.85
N GLU A 230 -1.42 1.85 -2.00
CA GLU A 230 -1.40 3.14 -1.30
C GLU A 230 -1.36 2.99 0.20
N LYS A 231 -2.19 2.10 0.75
CA LYS A 231 -2.29 1.84 2.19
C LYS A 231 -0.99 1.21 2.74
N LYS A 232 -0.41 0.29 1.97
CA LYS A 232 0.84 -0.36 2.33
C LYS A 232 1.96 0.70 2.30
N MET A 233 2.00 1.55 1.27
CA MET A 233 2.97 2.65 1.15
C MET A 233 2.82 3.65 2.30
N SER A 234 1.58 4.00 2.68
CA SER A 234 1.24 5.02 3.68
C SER A 234 1.40 4.54 5.12
N THR A 235 1.59 3.24 5.33
CA THR A 235 1.73 2.67 6.68
C THR A 235 3.21 2.46 6.99
N PRO A 236 3.84 3.30 7.84
CA PRO A 236 5.26 3.05 8.19
C PRO A 236 5.40 1.72 8.94
N ILE A 237 6.55 1.04 8.74
CA ILE A 237 6.84 -0.24 9.36
C ILE A 237 6.66 -0.15 10.89
N GLU A 238 7.08 0.98 11.48
CA GLU A 238 6.98 1.22 12.93
C GLU A 238 5.54 1.27 13.39
N VAL A 239 4.62 1.74 12.52
CA VAL A 239 3.19 1.83 12.82
C VAL A 239 2.58 0.42 12.70
N LEU A 240 2.87 -0.28 11.59
CA LEU A 240 2.42 -1.64 11.33
C LEU A 240 2.81 -2.60 12.46
N CYS A 241 4.05 -2.46 12.98
CA CYS A 241 4.60 -3.37 13.99
C CYS A 241 4.50 -2.84 15.43
N LYS A 242 3.77 -1.73 15.66
CA LYS A 242 3.62 -1.17 17.01
C LYS A 242 2.97 -2.17 17.98
N GLY A 243 3.57 -2.36 19.15
CA GLY A 243 3.06 -3.29 20.16
C GLY A 243 3.57 -4.72 20.01
N TYR A 244 4.47 -4.96 19.06
CA TYR A 244 5.04 -6.29 18.87
C TYR A 244 6.52 -6.19 19.00
N PRO A 245 7.27 -7.29 19.27
CA PRO A 245 8.73 -7.17 19.41
C PRO A 245 9.39 -6.45 18.24
N SER A 246 10.41 -5.62 18.54
CA SER A 246 11.14 -4.80 17.55
C SER A 246 11.74 -5.61 16.39
N GLU A 247 12.00 -6.92 16.63
CA GLU A 247 12.53 -7.84 15.60
C GLU A 247 11.68 -7.87 14.34
N PHE A 248 10.34 -7.73 14.46
CA PHE A 248 9.48 -7.76 13.27
C PHE A 248 9.70 -6.50 12.42
N ALA A 249 9.87 -5.34 13.07
CA ALA A 249 10.17 -4.09 12.36
C ALA A 249 11.58 -4.15 11.75
N THR A 250 12.55 -4.70 12.51
CA THR A 250 13.95 -4.87 12.08
C THR A 250 13.99 -5.77 10.84
N TYR A 251 13.22 -6.88 10.87
CA TYR A 251 13.15 -7.82 9.75
C TYR A 251 12.62 -7.11 8.49
N LEU A 252 11.49 -6.38 8.63
CA LEU A 252 10.87 -5.69 7.50
C LEU A 252 11.71 -4.57 6.93
N ASN A 253 12.37 -3.75 7.79
CA ASN A 253 13.26 -2.67 7.35
C ASN A 253 14.46 -3.25 6.59
N PHE A 254 14.99 -4.38 7.08
CA PHE A 254 16.11 -5.06 6.43
C PHE A 254 15.72 -5.50 5.00
N CYS A 255 14.53 -6.12 4.84
CA CYS A 255 14.07 -6.59 3.53
C CYS A 255 13.81 -5.48 2.54
N ARG A 256 13.21 -4.36 3.01
CA ARG A 256 12.94 -3.19 2.17
C ARG A 256 14.24 -2.47 1.77
N SER A 257 15.31 -2.63 2.59
CA SER A 257 16.63 -2.01 2.38
C SER A 257 17.50 -2.76 1.37
N LEU A 258 17.14 -4.01 1.05
CA LEU A 258 17.92 -4.82 0.10
C LEU A 258 17.83 -4.23 -1.29
N ARG A 259 18.95 -4.25 -2.01
CA ARG A 259 19.00 -3.79 -3.39
C ARG A 259 18.50 -4.92 -4.27
N PHE A 260 18.09 -4.62 -5.51
CA PHE A 260 17.54 -5.59 -6.44
C PHE A 260 18.29 -6.93 -6.49
N ASP A 261 19.61 -6.91 -6.70
CA ASP A 261 20.37 -8.15 -6.87
C ASP A 261 21.09 -8.64 -5.61
N ASP A 262 20.87 -7.99 -4.47
CA ASP A 262 21.47 -8.37 -3.18
C ASP A 262 21.14 -9.77 -2.71
N LYS A 263 22.17 -10.46 -2.20
CA LYS A 263 21.97 -11.77 -1.59
C LYS A 263 21.53 -11.45 -0.16
N PRO A 264 20.32 -11.85 0.27
CA PRO A 264 19.88 -11.53 1.65
C PRO A 264 20.71 -12.28 2.68
N ASP A 265 20.84 -11.71 3.89
CA ASP A 265 21.55 -12.40 4.97
C ASP A 265 20.48 -13.21 5.75
N TYR A 266 20.18 -14.44 5.28
CA TYR A 266 19.17 -15.33 5.86
C TYR A 266 19.47 -15.72 7.31
N SER A 267 20.75 -15.97 7.58
CA SER A 267 21.29 -16.33 8.88
C SER A 267 21.02 -15.22 9.92
N TYR A 268 21.24 -13.96 9.52
CA TYR A 268 20.97 -12.79 10.36
C TYR A 268 19.48 -12.70 10.72
N LEU A 269 18.61 -12.82 9.69
CA LEU A 269 17.15 -12.76 9.87
C LEU A 269 16.65 -13.87 10.78
N ARG A 270 17.13 -15.12 10.59
CA ARG A 270 16.76 -16.24 11.46
C ARG A 270 17.22 -16.00 12.89
N GLN A 271 18.44 -15.46 13.07
CA GLN A 271 19.04 -15.22 14.38
C GLN A 271 18.27 -14.18 15.18
N LEU A 272 17.73 -13.14 14.50
CA LEU A 272 16.90 -12.10 15.13
C LEU A 272 15.76 -12.77 15.89
N PHE A 273 15.05 -13.69 15.21
CA PHE A 273 13.92 -14.40 15.79
C PHE A 273 14.34 -15.47 16.80
N ARG A 274 15.46 -16.18 16.56
CA ARG A 274 15.98 -17.17 17.53
C ARG A 274 16.38 -16.50 18.85
N ASN A 275 17.00 -15.31 18.76
CA ASN A 275 17.42 -14.56 19.95
C ASN A 275 16.19 -14.09 20.74
N LEU A 276 15.14 -13.65 20.05
CA LEU A 276 13.90 -13.25 20.70
C LEU A 276 13.23 -14.48 21.37
N PHE A 277 13.24 -15.67 20.69
CA PHE A 277 12.67 -16.89 21.23
C PHE A 277 13.37 -17.23 22.57
N HIS A 278 14.71 -17.10 22.59
CA HIS A 278 15.49 -17.38 23.78
C HIS A 278 15.18 -16.34 24.89
N ARG A 279 15.16 -15.04 24.55
CA ARG A 279 14.89 -13.98 25.54
C ARG A 279 13.49 -14.16 26.19
N GLN A 280 12.52 -14.58 25.40
CA GLN A 280 11.14 -14.82 25.86
C GLN A 280 10.99 -15.98 26.85
N GLY A 281 11.92 -16.93 26.86
CA GLY A 281 11.86 -18.09 27.76
C GLY A 281 10.83 -19.13 27.33
N PHE A 282 10.51 -19.19 26.04
CA PHE A 282 9.61 -20.24 25.48
C PHE A 282 10.30 -21.60 25.58
N SER A 283 9.51 -22.68 25.79
CA SER A 283 10.09 -24.02 25.84
C SER A 283 10.48 -24.43 24.42
N TYR A 284 11.60 -25.15 24.32
CA TYR A 284 12.12 -25.64 23.05
C TYR A 284 11.45 -26.96 22.67
N ASP A 285 10.20 -26.87 22.25
CA ASP A 285 9.40 -28.01 21.82
C ASP A 285 8.64 -27.55 20.56
N TYR A 286 7.82 -28.40 20.00
CA TYR A 286 7.02 -27.99 18.85
C TYR A 286 5.56 -27.98 19.19
N VAL A 287 5.21 -27.41 20.35
CA VAL A 287 3.81 -27.33 20.78
C VAL A 287 3.28 -26.01 20.23
N PHE A 288 2.69 -26.09 19.03
CA PHE A 288 2.11 -24.96 18.33
C PHE A 288 0.77 -24.59 18.92
N ASP A 289 0.21 -23.47 18.49
CA ASP A 289 -1.08 -23.09 19.07
C ASP A 289 -2.22 -24.09 18.83
N TRP A 290 -2.19 -24.78 17.65
CA TRP A 290 -3.20 -25.76 17.29
C TRP A 290 -3.21 -26.97 18.24
N ASN A 291 -2.07 -27.29 18.87
CA ASN A 291 -1.90 -28.38 19.87
C ASN A 291 -2.37 -27.95 21.27
N MET A 292 -2.81 -26.69 21.43
CA MET A 292 -3.29 -26.16 22.72
C MET A 292 -4.82 -26.11 22.69
N LEU A 293 -5.44 -26.39 21.53
CA LEU A 293 -6.89 -26.33 21.40
C LEU A 293 -7.55 -27.60 21.92
N MET B 1 26.82 25.55 18.73
CA MET B 1 26.71 24.31 17.98
C MET B 1 25.29 24.12 17.46
N GLU B 2 25.04 22.98 16.80
CA GLU B 2 23.75 22.61 16.27
C GLU B 2 22.69 22.59 17.37
N LEU B 3 21.61 23.31 17.11
CA LEU B 3 20.45 23.52 17.96
C LEU B 3 19.72 22.20 18.21
N ARG B 4 19.43 21.90 19.48
CA ARG B 4 18.74 20.66 19.85
C ARG B 4 17.38 20.95 20.46
N VAL B 5 16.40 20.10 20.16
CA VAL B 5 15.01 20.22 20.63
C VAL B 5 14.66 19.04 21.54
N TYR B 9 16.14 15.40 19.01
CA TYR B 9 15.97 16.06 17.70
C TYR B 9 16.95 17.22 17.53
N ARG B 10 17.60 17.31 16.35
CA ARG B 10 18.52 18.42 16.01
C ARG B 10 17.82 19.34 15.02
N LEU B 11 17.75 20.66 15.31
CA LEU B 11 17.08 21.62 14.44
C LEU B 11 17.98 22.22 13.34
N GLY B 12 17.53 22.14 12.09
CA GLY B 12 18.24 22.68 10.94
C GLY B 12 17.50 23.86 10.33
N ARG B 13 17.71 24.10 9.04
CA ARG B 13 17.13 25.16 8.21
C ARG B 13 15.58 25.17 8.12
N LYS B 14 14.98 26.36 7.89
CA LYS B 14 13.55 26.50 7.60
C LYS B 14 13.37 25.96 6.16
N ILE B 15 12.43 25.05 5.95
CA ILE B 15 12.26 24.45 4.62
C ILE B 15 10.97 24.88 3.93
N GLY B 16 10.08 25.48 4.70
CA GLY B 16 8.79 25.94 4.20
C GLY B 16 8.01 26.68 5.28
N SER B 17 6.89 27.27 4.86
CA SER B 17 5.99 28.00 5.74
C SER B 17 4.64 27.29 5.72
N GLY B 18 3.96 27.30 6.85
CA GLY B 18 2.62 26.78 7.03
C GLY B 18 1.71 27.95 7.33
N SER B 19 0.38 27.71 7.36
CA SER B 19 -0.57 28.79 7.64
C SER B 19 -0.35 29.52 9.00
N PHE B 20 0.21 28.84 10.05
CA PHE B 20 0.45 29.44 11.37
C PHE B 20 1.78 29.04 12.04
N GLY B 21 2.86 28.97 11.26
CA GLY B 21 4.18 28.59 11.77
C GLY B 21 5.12 28.03 10.72
N ASP B 22 6.42 28.33 10.90
CA ASP B 22 7.47 27.88 10.00
C ASP B 22 7.78 26.38 10.18
N ILE B 23 8.19 25.76 9.09
CA ILE B 23 8.56 24.34 9.02
C ILE B 23 10.06 24.31 8.88
N TYR B 24 10.73 23.50 9.71
CA TYR B 24 12.18 23.37 9.68
C TYR B 24 12.57 21.93 9.42
N LEU B 25 13.71 21.74 8.77
CA LEU B 25 14.33 20.45 8.56
C LEU B 25 14.94 20.11 9.94
N GLY B 26 14.97 18.83 10.25
CA GLY B 26 15.54 18.35 11.49
C GLY B 26 16.09 16.95 11.34
N THR B 27 16.71 16.45 12.41
CA THR B 27 17.27 15.11 12.40
C THR B 27 16.89 14.41 13.69
N ASP B 28 16.20 13.26 13.58
CA ASP B 28 15.84 12.40 14.69
C ASP B 28 17.18 11.69 15.04
N ILE B 29 17.79 12.09 16.18
CA ILE B 29 19.09 11.58 16.63
C ILE B 29 19.04 10.06 16.95
N ALA B 30 17.94 9.59 17.56
CA ALA B 30 17.74 8.19 17.94
C ALA B 30 17.60 7.28 16.71
N ALA B 31 16.64 7.57 15.81
CA ALA B 31 16.35 6.80 14.59
C ALA B 31 17.32 7.05 13.41
N GLY B 32 18.16 8.09 13.55
CA GLY B 32 19.14 8.51 12.55
C GLY B 32 18.50 8.86 11.22
N GLU B 33 17.43 9.71 11.26
CA GLU B 33 16.64 10.09 10.08
C GLU B 33 16.28 11.58 10.03
N GLU B 34 16.07 12.10 8.82
CA GLU B 34 15.63 13.49 8.61
C GLU B 34 14.13 13.56 8.91
N VAL B 35 13.70 14.68 9.53
CA VAL B 35 12.30 14.94 9.91
C VAL B 35 11.92 16.40 9.56
N ALA B 36 10.62 16.72 9.67
CA ALA B 36 10.05 18.04 9.46
C ALA B 36 9.54 18.48 10.82
N ILE B 37 9.89 19.69 11.25
CA ILE B 37 9.57 20.23 12.55
C ILE B 37 8.81 21.54 12.43
N LYS B 38 7.66 21.61 13.09
CA LYS B 38 6.86 22.82 13.17
C LYS B 38 7.02 23.41 14.58
N LEU B 39 7.36 24.73 14.69
CA LEU B 39 7.58 25.41 15.97
C LEU B 39 6.61 26.56 16.19
N GLU B 40 6.19 26.76 17.44
CA GLU B 40 5.30 27.85 17.86
C GLU B 40 5.80 28.41 19.17
N LYS B 45 0.44 33.70 22.65
CA LYS B 45 -0.29 34.78 21.98
C LYS B 45 -1.64 34.28 21.42
N HIS B 46 -1.60 33.63 20.24
CA HIS B 46 -2.76 33.04 19.56
C HIS B 46 -2.39 31.56 19.32
N PRO B 47 -2.56 30.66 20.33
CA PRO B 47 -2.15 29.26 20.13
C PRO B 47 -2.99 28.48 19.13
N GLN B 48 -2.33 27.82 18.17
CA GLN B 48 -2.95 27.02 17.13
C GLN B 48 -2.27 25.66 16.93
N LEU B 49 -0.94 25.56 17.20
CA LEU B 49 -0.20 24.30 17.03
C LEU B 49 -0.85 23.11 17.72
N HIS B 50 -1.27 23.29 18.99
CA HIS B 50 -1.92 22.25 19.77
C HIS B 50 -3.24 21.83 19.12
N ILE B 51 -4.02 22.80 18.60
CA ILE B 51 -5.27 22.51 17.91
C ILE B 51 -4.95 21.74 16.61
N GLU B 52 -3.99 22.21 15.79
CA GLU B 52 -3.58 21.55 14.54
C GLU B 52 -3.07 20.11 14.77
N SER B 53 -2.27 19.88 15.86
CA SER B 53 -1.76 18.57 16.26
C SER B 53 -2.90 17.59 16.51
N LYS B 54 -3.99 18.07 17.14
CA LYS B 54 -5.18 17.28 17.44
C LYS B 54 -5.85 16.83 16.15
N ILE B 55 -5.89 17.70 15.12
CA ILE B 55 -6.48 17.34 13.81
C ILE B 55 -5.64 16.25 13.18
N TYR B 56 -4.30 16.43 13.12
CA TYR B 56 -3.39 15.44 12.55
C TYR B 56 -3.57 14.10 13.25
N LYS B 57 -3.63 14.11 14.59
CA LYS B 57 -3.79 12.91 15.42
C LYS B 57 -5.08 12.17 15.08
N MET B 58 -6.22 12.89 14.93
CA MET B 58 -7.52 12.33 14.56
C MET B 58 -7.51 11.73 13.14
N MET B 59 -6.61 12.22 12.27
CA MET B 59 -6.46 11.82 10.86
C MET B 59 -5.54 10.61 10.68
N GLN B 60 -4.69 10.27 11.69
CA GLN B 60 -3.69 9.20 11.64
C GLN B 60 -4.27 7.86 11.17
N GLY B 61 -3.55 7.19 10.29
CA GLY B 61 -4.02 5.95 9.69
C GLY B 61 -4.66 6.12 8.32
N GLY B 62 -5.03 7.36 7.97
CA GLY B 62 -5.60 7.64 6.66
C GLY B 62 -4.53 7.63 5.58
N VAL B 63 -4.88 7.16 4.38
CA VAL B 63 -3.89 7.09 3.27
C VAL B 63 -3.43 8.52 2.94
N GLY B 64 -2.11 8.73 2.84
CA GLY B 64 -1.56 10.02 2.51
C GLY B 64 -1.73 11.10 3.56
N ILE B 65 -1.86 10.69 4.82
CA ILE B 65 -1.92 11.58 5.98
C ILE B 65 -0.55 11.40 6.60
N PRO B 66 0.27 12.46 6.66
CA PRO B 66 1.61 12.30 7.23
C PRO B 66 1.58 11.85 8.70
N THR B 67 2.57 11.03 9.07
CA THR B 67 2.68 10.53 10.44
C THR B 67 3.27 11.59 11.35
N ILE B 68 2.65 11.78 12.51
CA ILE B 68 3.18 12.63 13.57
C ILE B 68 4.04 11.68 14.43
N ARG B 69 5.34 11.96 14.53
CA ARG B 69 6.34 11.13 15.22
C ARG B 69 6.55 11.49 16.69
N TRP B 70 6.30 12.77 17.03
CA TRP B 70 6.45 13.29 18.38
C TRP B 70 5.76 14.63 18.52
N CYS B 71 5.18 14.88 19.70
CA CYS B 71 4.50 16.11 20.04
C CYS B 71 4.91 16.54 21.45
N GLY B 72 4.81 17.83 21.75
CA GLY B 72 5.17 18.34 23.06
C GLY B 72 5.79 19.73 23.12
N ALA B 73 5.70 20.35 24.31
CA ALA B 73 6.25 21.66 24.62
C ALA B 73 7.66 21.46 25.18
N GLU B 74 8.67 22.16 24.62
CA GLU B 74 10.08 22.11 25.06
C GLU B 74 10.65 23.55 25.18
N GLY B 75 10.79 24.03 26.42
CA GLY B 75 11.27 25.37 26.71
C GLY B 75 10.20 26.41 26.42
N ASP B 76 10.52 27.41 25.58
CA ASP B 76 9.60 28.48 25.20
C ASP B 76 8.73 28.14 23.99
N TYR B 77 8.87 26.91 23.47
CA TYR B 77 8.19 26.48 22.25
C TYR B 77 7.29 25.25 22.35
N ASN B 78 6.21 25.26 21.54
CA ASN B 78 5.33 24.13 21.25
C ASN B 78 5.94 23.55 19.97
N VAL B 79 6.23 22.24 19.97
CA VAL B 79 6.89 21.50 18.90
C VAL B 79 5.98 20.39 18.36
N MET B 80 6.06 20.14 17.04
CA MET B 80 5.39 19.03 16.38
C MET B 80 6.37 18.48 15.35
N VAL B 81 6.60 17.16 15.42
CA VAL B 81 7.55 16.48 14.56
C VAL B 81 6.77 15.53 13.64
N MET B 82 7.00 15.67 12.34
CA MET B 82 6.37 14.90 11.30
C MET B 82 7.42 14.23 10.44
N GLU B 83 7.06 13.08 9.82
CA GLU B 83 7.94 12.41 8.88
C GLU B 83 8.26 13.41 7.73
N LEU B 84 9.48 13.42 7.22
CA LEU B 84 9.84 14.31 6.10
C LEU B 84 9.27 13.74 4.79
N LEU B 85 8.63 14.59 3.97
CA LEU B 85 8.05 14.16 2.69
C LEU B 85 8.83 14.82 1.53
N GLY B 86 8.42 14.52 0.30
CA GLY B 86 9.08 15.07 -0.87
C GLY B 86 8.59 16.45 -1.26
N PRO B 87 8.81 16.85 -2.54
CA PRO B 87 8.35 18.17 -2.97
C PRO B 87 6.82 18.28 -3.08
N SER B 88 6.32 19.51 -3.10
CA SER B 88 4.89 19.76 -3.25
C SER B 88 4.54 19.65 -4.73
N LEU B 89 3.24 19.56 -5.03
CA LEU B 89 2.76 19.57 -6.43
C LEU B 89 3.04 20.90 -7.09
N GLU B 90 3.12 22.00 -6.30
CA GLU B 90 3.48 23.31 -6.84
C GLU B 90 4.95 23.30 -7.29
N ASP B 91 5.84 22.76 -6.43
CA ASP B 91 7.30 22.63 -6.74
C ASP B 91 7.44 21.76 -7.97
N LEU B 92 6.69 20.64 -8.04
CA LEU B 92 6.78 19.73 -9.18
C LEU B 92 6.23 20.35 -10.47
N PHE B 93 5.13 21.11 -10.35
CA PHE B 93 4.55 21.81 -11.50
C PHE B 93 5.54 22.82 -12.08
N ASN B 94 6.19 23.65 -11.23
CA ASN B 94 7.21 24.61 -11.70
C ASN B 94 8.43 23.90 -12.26
N PHE B 95 8.83 22.76 -11.63
CA PHE B 95 9.93 21.90 -12.10
C PHE B 95 9.65 21.41 -13.52
N CYS B 96 8.37 21.09 -13.84
CA CYS B 96 7.92 20.63 -15.16
C CYS B 96 7.58 21.80 -16.09
N SER B 97 8.03 23.02 -15.77
CA SER B 97 7.77 24.24 -16.58
C SER B 97 6.26 24.53 -16.75
N ARG B 98 5.49 24.24 -15.68
CA ARG B 98 4.05 24.50 -15.57
C ARG B 98 3.27 23.79 -16.70
N LYS B 99 3.76 22.58 -17.05
CA LYS B 99 3.26 21.68 -18.09
C LYS B 99 3.06 20.28 -17.55
N PHE B 100 1.80 19.91 -17.25
CA PHE B 100 1.43 18.55 -16.86
C PHE B 100 0.60 17.97 -18.01
N SER B 101 0.89 16.71 -18.36
CA SER B 101 0.16 16.02 -19.41
C SER B 101 -1.23 15.63 -18.83
N LEU B 102 -2.23 15.35 -19.68
CA LEU B 102 -3.54 14.88 -19.19
C LEU B 102 -3.40 13.66 -18.26
N LYS B 103 -2.54 12.68 -18.60
CA LYS B 103 -2.35 11.48 -17.80
C LYS B 103 -1.95 11.82 -16.33
N THR B 104 -0.97 12.70 -16.14
CA THR B 104 -0.52 13.12 -14.81
C THR B 104 -1.66 13.84 -14.07
N VAL B 105 -2.38 14.73 -14.76
CA VAL B 105 -3.50 15.45 -14.12
C VAL B 105 -4.55 14.45 -13.58
N LEU B 106 -4.84 13.38 -14.36
CA LEU B 106 -5.81 12.35 -13.96
C LEU B 106 -5.31 11.50 -12.81
N LEU B 107 -4.04 11.10 -12.85
CA LEU B 107 -3.42 10.33 -11.77
C LEU B 107 -3.47 11.15 -10.45
N LEU B 108 -3.20 12.44 -10.53
CA LEU B 108 -3.25 13.34 -9.40
C LEU B 108 -4.66 13.54 -8.89
N ALA B 109 -5.63 13.78 -9.82
CA ALA B 109 -7.05 13.99 -9.49
C ALA B 109 -7.59 12.80 -8.66
N ASP B 110 -7.28 11.57 -9.07
CA ASP B 110 -7.76 10.38 -8.38
C ASP B 110 -7.37 10.33 -6.89
N GLN B 111 -6.10 10.65 -6.60
CA GLN B 111 -5.60 10.66 -5.22
C GLN B 111 -6.08 11.90 -4.47
N MET B 112 -6.08 13.06 -5.11
CA MET B 112 -6.49 14.31 -4.44
C MET B 112 -7.97 14.28 -3.99
N ILE B 113 -8.87 13.69 -4.83
CA ILE B 113 -10.28 13.57 -4.44
C ILE B 113 -10.40 12.67 -3.18
N SER B 114 -9.67 11.54 -3.16
CA SER B 114 -9.65 10.61 -2.01
C SER B 114 -9.10 11.23 -0.76
N ARG B 115 -8.05 12.09 -0.86
CA ARG B 115 -7.49 12.75 0.32
C ARG B 115 -8.54 13.68 0.92
N ILE B 116 -9.22 14.47 0.07
CA ILE B 116 -10.27 15.40 0.50
C ILE B 116 -11.40 14.62 1.10
N GLU B 117 -11.82 13.49 0.46
CA GLU B 117 -12.90 12.64 0.98
C GLU B 117 -12.54 12.12 2.38
N TYR B 118 -11.29 11.68 2.55
CA TYR B 118 -10.85 11.15 3.84
C TYR B 118 -10.96 12.21 4.97
N ILE B 119 -10.48 13.44 4.72
CA ILE B 119 -10.57 14.55 5.69
C ILE B 119 -12.04 14.76 6.07
N HIS B 120 -12.95 14.77 5.06
CA HIS B 120 -14.39 14.95 5.26
C HIS B 120 -14.99 13.81 6.06
N SER B 121 -14.51 12.55 5.87
CA SER B 121 -15.01 11.38 6.61
C SER B 121 -14.64 11.48 8.09
N LYS B 122 -13.59 12.24 8.40
CA LYS B 122 -13.09 12.50 9.75
C LYS B 122 -13.64 13.84 10.29
N ASN B 123 -14.75 14.34 9.67
CA ASN B 123 -15.56 15.50 10.11
C ASN B 123 -14.91 16.89 9.94
N PHE B 124 -13.85 17.01 9.13
CA PHE B 124 -13.20 18.30 8.87
C PHE B 124 -13.26 18.72 7.41
N ILE B 125 -13.22 20.03 7.15
CA ILE B 125 -13.04 20.60 5.80
C ILE B 125 -11.64 21.23 5.85
N HIS B 126 -10.88 21.13 4.76
CA HIS B 126 -9.51 21.62 4.73
C HIS B 126 -9.46 23.14 4.61
N ARG B 127 -10.25 23.69 3.65
CA ARG B 127 -10.43 25.14 3.39
C ARG B 127 -9.25 25.82 2.72
N ASP B 128 -8.19 25.09 2.40
CA ASP B 128 -7.06 25.69 1.66
C ASP B 128 -6.45 24.70 0.70
N VAL B 129 -7.31 24.15 -0.17
CA VAL B 129 -6.95 23.20 -1.22
C VAL B 129 -6.19 23.96 -2.30
N LYS B 130 -4.88 23.68 -2.38
CA LYS B 130 -3.95 24.33 -3.30
C LYS B 130 -2.77 23.40 -3.59
N PRO B 131 -2.09 23.56 -4.75
CA PRO B 131 -0.95 22.65 -5.07
C PRO B 131 0.13 22.53 -3.98
N ASP B 132 0.42 23.63 -3.27
CA ASP B 132 1.39 23.76 -2.20
CA ASP B 132 1.48 23.60 -2.25
C ASP B 132 1.09 22.81 -1.01
N ASN B 133 -0.20 22.42 -0.84
CA ASN B 133 -0.65 21.58 0.29
C ASN B 133 -0.78 20.09 -0.04
N PHE B 134 -0.19 19.67 -1.15
CA PHE B 134 -0.14 18.25 -1.54
C PHE B 134 1.34 17.94 -1.81
N LEU B 135 1.93 16.96 -1.10
CA LEU B 135 3.32 16.64 -1.24
C LEU B 135 3.45 15.19 -1.66
N MET B 136 4.51 14.86 -2.42
CA MET B 136 4.73 13.49 -2.82
C MET B 136 5.51 12.82 -1.71
N GLY B 137 5.39 11.51 -1.58
CA GLY B 137 6.17 10.75 -0.62
C GLY B 137 7.60 10.65 -1.15
N LEU B 138 8.49 10.00 -0.40
CA LEU B 138 9.91 9.83 -0.75
C LEU B 138 10.20 8.42 -1.14
N GLY B 139 11.21 8.24 -2.00
CA GLY B 139 11.67 6.95 -2.47
C GLY B 139 10.57 6.06 -2.97
N LYS B 140 10.35 4.94 -2.27
CA LYS B 140 9.34 3.94 -2.59
C LYS B 140 7.93 4.48 -2.47
N LYS B 141 7.74 5.57 -1.69
CA LYS B 141 6.43 6.23 -1.50
C LYS B 141 6.27 7.44 -2.45
N GLY B 142 7.15 7.51 -3.43
CA GLY B 142 7.22 8.57 -4.41
C GLY B 142 5.97 8.74 -5.27
N ASN B 143 5.07 7.72 -5.36
CA ASN B 143 3.84 7.85 -6.13
C ASN B 143 2.62 8.21 -5.29
N LEU B 144 2.80 8.34 -3.97
CA LEU B 144 1.73 8.63 -3.04
C LEU B 144 1.64 10.14 -2.84
N VAL B 145 0.44 10.70 -3.02
CA VAL B 145 0.13 12.12 -2.82
C VAL B 145 -0.33 12.25 -1.36
N TYR B 146 0.32 13.13 -0.60
CA TYR B 146 -0.06 13.41 0.79
C TYR B 146 -0.74 14.76 0.84
N ILE B 147 -1.67 14.93 1.78
CA ILE B 147 -2.30 16.23 2.02
C ILE B 147 -1.71 16.74 3.36
N ILE B 148 -1.43 18.04 3.44
CA ILE B 148 -0.85 18.66 4.64
C ILE B 148 -1.56 19.95 4.97
N ASP B 149 -1.14 20.55 6.11
CA ASP B 149 -1.57 21.81 6.67
C ASP B 149 -3.03 21.88 7.02
N PHE B 150 -3.32 21.65 8.32
CA PHE B 150 -4.64 21.68 8.92
C PHE B 150 -4.86 22.94 9.74
N GLY B 151 -4.02 23.94 9.50
CA GLY B 151 -4.06 25.24 10.16
C GLY B 151 -5.32 26.04 9.90
N LEU B 152 -5.97 25.85 8.73
CA LEU B 152 -7.23 26.55 8.39
C LEU B 152 -8.42 25.60 8.39
N ALA B 153 -8.19 24.32 8.70
CA ALA B 153 -9.20 23.28 8.76
C ALA B 153 -10.23 23.56 9.86
N LYS B 154 -11.48 23.23 9.58
CA LYS B 154 -12.57 23.44 10.49
C LYS B 154 -13.40 22.19 10.59
N LYS B 155 -13.93 21.88 11.79
CA LYS B 155 -14.86 20.77 11.96
C LYS B 155 -16.18 21.25 11.33
N TYR B 156 -16.73 20.51 10.34
CA TYR B 156 -17.97 20.94 9.69
C TYR B 156 -19.17 20.19 10.23
N ARG B 157 -18.93 19.11 11.00
CA ARG B 157 -20.02 18.30 11.56
C ARG B 157 -19.64 17.64 12.87
N ASP B 158 -20.64 17.33 13.69
CA ASP B 158 -20.49 16.65 14.96
C ASP B 158 -20.06 15.20 14.72
N ALA B 159 -19.05 14.73 15.45
CA ALA B 159 -18.51 13.37 15.34
C ALA B 159 -19.54 12.24 15.51
N ARG B 160 -20.50 12.39 16.47
CA ARG B 160 -21.53 11.38 16.72
C ARG B 160 -22.82 11.54 15.89
N THR B 161 -23.42 12.73 15.89
CA THR B 161 -24.71 12.95 15.21
C THR B 161 -24.59 13.29 13.72
N HIS B 162 -23.40 13.79 13.28
CA HIS B 162 -23.15 14.26 11.92
C HIS B 162 -23.98 15.51 11.61
N GLN B 163 -24.40 16.25 12.64
CA GLN B 163 -25.14 17.51 12.49
C GLN B 163 -24.14 18.49 11.90
N HIS B 164 -24.48 19.05 10.74
CA HIS B 164 -23.64 19.97 9.97
C HIS B 164 -23.59 21.31 10.69
N ILE B 165 -22.48 22.05 10.57
CA ILE B 165 -22.35 23.41 11.12
C ILE B 165 -23.37 24.31 10.39
N PRO B 166 -23.87 25.38 11.04
CA PRO B 166 -24.89 26.21 10.38
C PRO B 166 -24.38 27.06 9.24
N TYR B 167 -25.30 27.46 8.35
CA TYR B 167 -25.00 28.35 7.23
C TYR B 167 -24.69 29.73 7.83
N ARG B 168 -23.66 30.39 7.27
CA ARG B 168 -23.24 31.73 7.70
C ARG B 168 -22.89 32.55 6.48
N GLU B 169 -23.05 33.85 6.58
CA GLU B 169 -22.63 34.76 5.53
C GLU B 169 -21.61 35.73 6.14
N ASN B 170 -21.06 36.64 5.32
CA ASN B 170 -20.12 37.69 5.74
C ASN B 170 -18.83 37.13 6.36
N LYS B 171 -18.32 36.04 5.77
CA LYS B 171 -17.09 35.39 6.20
C LYS B 171 -15.92 35.97 5.41
N ASN B 172 -14.76 36.16 6.08
CA ASN B 172 -13.53 36.62 5.44
C ASN B 172 -12.99 35.50 4.56
N LEU B 173 -12.24 35.83 3.50
CA LEU B 173 -11.65 34.80 2.64
C LEU B 173 -10.53 34.07 3.41
N THR B 174 -10.82 32.83 3.84
CA THR B 174 -9.90 31.95 4.55
C THR B 174 -9.43 30.96 3.48
N GLY B 175 -8.19 31.16 3.02
CA GLY B 175 -7.58 30.36 1.97
C GLY B 175 -6.88 31.22 0.93
N THR B 176 -6.56 30.61 -0.21
CA THR B 176 -5.87 31.30 -1.31
C THR B 176 -6.94 31.76 -2.30
N ALA B 177 -6.92 33.06 -2.67
CA ALA B 177 -7.90 33.66 -3.58
C ALA B 177 -7.90 32.95 -4.94
N ARG B 178 -6.71 32.62 -5.47
CA ARG B 178 -6.62 31.94 -6.76
C ARG B 178 -7.51 30.69 -6.85
N TYR B 179 -7.60 29.90 -5.76
CA TYR B 179 -8.35 28.64 -5.79
C TYR B 179 -9.65 28.66 -5.03
N ALA B 180 -10.02 29.78 -4.38
CA ALA B 180 -11.26 29.88 -3.61
C ALA B 180 -12.50 29.64 -4.47
N SER B 181 -13.50 28.95 -3.91
CA SER B 181 -14.77 28.72 -4.59
C SER B 181 -15.49 30.07 -4.74
N ILE B 182 -16.45 30.18 -5.68
CA ILE B 182 -17.23 31.42 -5.87
C ILE B 182 -17.99 31.78 -4.59
N ASN B 183 -18.54 30.77 -3.89
CA ASN B 183 -19.26 31.05 -2.66
C ASN B 183 -18.34 31.63 -1.57
N THR B 184 -17.02 31.24 -1.55
CA THR B 184 -16.03 31.81 -0.62
C THR B 184 -15.87 33.31 -0.93
N HIS B 185 -15.80 33.65 -2.25
CA HIS B 185 -15.70 35.03 -2.70
C HIS B 185 -16.91 35.85 -2.28
N LEU B 186 -18.08 35.19 -2.20
CA LEU B 186 -19.34 35.79 -1.76
C LEU B 186 -19.45 35.86 -0.23
N GLY B 187 -18.45 35.35 0.49
CA GLY B 187 -18.43 35.37 1.96
C GLY B 187 -19.33 34.34 2.62
N ILE B 188 -19.69 33.26 1.89
CA ILE B 188 -20.53 32.19 2.44
C ILE B 188 -19.63 31.22 3.22
N GLU B 189 -20.09 30.72 4.39
CA GLU B 189 -19.37 29.72 5.19
C GLU B 189 -18.97 28.55 4.28
N GLN B 190 -17.71 28.13 4.35
CA GLN B 190 -17.20 27.03 3.55
C GLN B 190 -17.72 25.69 4.06
N SER B 191 -17.88 24.73 3.15
CA SER B 191 -18.37 23.40 3.47
C SER B 191 -17.70 22.40 2.51
N ARG B 192 -18.13 21.13 2.50
CA ARG B 192 -17.48 20.07 1.70
C ARG B 192 -17.36 20.41 0.22
N ARG B 193 -18.40 21.07 -0.35
CA ARG B 193 -18.43 21.47 -1.77
C ARG B 193 -17.29 22.41 -2.16
N ASP B 194 -16.90 23.32 -1.25
CA ASP B 194 -15.86 24.32 -1.53
C ASP B 194 -14.49 23.71 -1.65
N ASP B 195 -14.16 22.68 -0.82
CA ASP B 195 -12.87 21.97 -0.95
C ASP B 195 -12.79 21.31 -2.32
N LEU B 196 -13.90 20.70 -2.78
CA LEU B 196 -13.94 20.04 -4.07
C LEU B 196 -13.92 21.02 -5.25
N GLU B 197 -14.61 22.18 -5.11
CA GLU B 197 -14.61 23.18 -6.18
C GLU B 197 -13.18 23.74 -6.33
N SER B 198 -12.50 24.03 -5.19
CA SER B 198 -11.10 24.46 -5.18
C SER B 198 -10.23 23.45 -5.91
N LEU B 199 -10.45 22.15 -5.63
CA LEU B 199 -9.71 21.10 -6.33
C LEU B 199 -9.94 21.21 -7.86
N GLY B 200 -11.18 21.46 -8.29
CA GLY B 200 -11.49 21.67 -9.70
C GLY B 200 -10.67 22.75 -10.36
N TYR B 201 -10.41 23.88 -9.63
CA TYR B 201 -9.56 24.98 -10.14
C TYR B 201 -8.12 24.57 -10.20
N VAL B 202 -7.65 23.81 -9.20
CA VAL B 202 -6.28 23.27 -9.15
C VAL B 202 -6.05 22.39 -10.40
N LEU B 203 -7.01 21.51 -10.73
CA LEU B 203 -6.89 20.62 -11.90
C LEU B 203 -6.86 21.42 -13.17
N MET B 204 -7.71 22.46 -13.28
CA MET B 204 -7.68 23.30 -14.47
C MET B 204 -6.39 24.12 -14.57
N TYR B 205 -5.83 24.54 -13.42
CA TYR B 205 -4.54 25.25 -13.35
C TYR B 205 -3.43 24.28 -13.88
N PHE B 206 -3.48 23.01 -13.49
CA PHE B 206 -2.52 22.01 -13.99
C PHE B 206 -2.66 21.79 -15.48
N ASN B 207 -3.92 21.75 -15.97
CA ASN B 207 -4.23 21.57 -17.40
C ASN B 207 -3.72 22.70 -18.23
N LEU B 208 -4.07 23.94 -17.81
CA LEU B 208 -3.77 25.17 -18.51
C LEU B 208 -2.37 25.74 -18.34
N GLY B 209 -1.78 25.59 -17.17
CA GLY B 209 -0.49 26.19 -16.88
C GLY B 209 -0.66 27.46 -16.06
N SER B 210 -1.86 28.02 -16.08
CA SER B 210 -2.25 29.24 -15.35
C SER B 210 -3.76 29.34 -15.33
N LEU B 211 -4.34 30.17 -14.48
CA LEU B 211 -5.78 30.39 -14.46
C LEU B 211 -6.11 31.77 -15.04
N PRO B 212 -7.30 31.98 -15.65
CA PRO B 212 -7.62 33.30 -16.24
C PRO B 212 -7.65 34.48 -15.24
N TRP B 213 -7.77 34.21 -13.93
CA TRP B 213 -7.83 35.25 -12.89
C TRP B 213 -6.51 35.42 -12.16
N GLN B 214 -5.47 34.77 -12.68
CA GLN B 214 -4.12 34.80 -12.16
C GLN B 214 -3.37 35.98 -12.79
N GLY B 215 -2.48 36.57 -12.01
CA GLY B 215 -1.63 37.69 -12.44
C GLY B 215 -2.38 38.98 -12.73
N LEU B 216 -3.51 39.20 -12.03
CA LEU B 216 -4.29 40.43 -12.17
C LEU B 216 -3.66 41.53 -11.30
N LYS B 224 -7.79 43.67 -5.02
CA LYS B 224 -7.42 42.59 -5.94
C LYS B 224 -8.30 41.37 -5.81
N TYR B 225 -8.67 41.00 -4.56
CA TYR B 225 -9.60 39.89 -4.31
C TYR B 225 -10.94 40.16 -5.03
N GLU B 226 -11.29 41.46 -5.19
CA GLU B 226 -12.49 41.93 -5.92
C GLU B 226 -12.32 41.58 -7.40
N ARG B 227 -11.13 41.83 -7.98
CA ARG B 227 -10.79 41.56 -9.38
C ARG B 227 -10.73 40.07 -9.66
N ILE B 228 -10.08 39.28 -8.76
CA ILE B 228 -9.98 37.82 -8.89
C ILE B 228 -11.41 37.24 -8.91
N SER B 229 -12.26 37.65 -7.94
CA SER B 229 -13.66 37.21 -7.85
C SER B 229 -14.49 37.68 -9.02
N GLU B 230 -14.11 38.84 -9.62
CA GLU B 230 -14.77 39.46 -10.77
C GLU B 230 -14.55 38.54 -11.97
N LYS B 231 -13.26 38.28 -12.29
CA LYS B 231 -12.83 37.41 -13.38
C LYS B 231 -13.36 35.99 -13.23
N LYS B 232 -13.38 35.44 -11.99
CA LYS B 232 -13.87 34.08 -11.71
C LYS B 232 -15.37 33.99 -11.97
N MET B 233 -16.14 35.00 -11.51
CA MET B 233 -17.59 35.05 -11.72
C MET B 233 -18.00 35.33 -13.17
N SER B 234 -17.15 36.05 -13.91
CA SER B 234 -17.39 36.41 -15.31
C SER B 234 -16.92 35.33 -16.30
N THR B 235 -16.17 34.31 -15.81
CA THR B 235 -15.68 33.24 -16.68
C THR B 235 -16.57 32.01 -16.55
N PRO B 236 -17.45 31.70 -17.54
CA PRO B 236 -18.25 30.47 -17.45
C PRO B 236 -17.35 29.23 -17.47
N ILE B 237 -17.79 28.16 -16.80
CA ILE B 237 -17.06 26.89 -16.69
C ILE B 237 -16.70 26.38 -18.09
N GLU B 238 -17.63 26.52 -19.05
CA GLU B 238 -17.45 26.08 -20.44
C GLU B 238 -16.32 26.84 -21.13
N VAL B 239 -16.11 28.11 -20.76
CA VAL B 239 -15.05 28.96 -21.31
C VAL B 239 -13.72 28.56 -20.68
N LEU B 240 -13.69 28.46 -19.34
CA LEU B 240 -12.52 28.04 -18.56
C LEU B 240 -11.97 26.68 -19.05
N CYS B 241 -12.87 25.72 -19.31
CA CYS B 241 -12.51 24.35 -19.68
C CYS B 241 -12.51 24.07 -21.20
N LYS B 242 -12.66 25.12 -22.04
CA LYS B 242 -12.64 24.94 -23.50
C LYS B 242 -11.32 24.31 -23.99
N GLY B 243 -11.44 23.28 -24.82
CA GLY B 243 -10.27 22.58 -25.36
C GLY B 243 -9.75 21.46 -24.48
N TYR B 244 -10.44 21.16 -23.36
CA TYR B 244 -9.98 20.06 -22.48
C TYR B 244 -11.12 19.09 -22.36
N PRO B 245 -10.88 17.80 -21.98
CA PRO B 245 -11.98 16.85 -21.88
C PRO B 245 -13.16 17.39 -21.05
N SER B 246 -14.39 17.09 -21.50
CA SER B 246 -15.66 17.53 -20.89
C SER B 246 -15.77 17.21 -19.39
N GLU B 247 -15.06 16.14 -18.93
CA GLU B 247 -15.05 15.72 -17.52
C GLU B 247 -14.66 16.86 -16.59
N PHE B 248 -13.75 17.76 -17.00
CA PHE B 248 -13.35 18.85 -16.12
C PHE B 248 -14.49 19.84 -15.91
N ALA B 249 -15.26 20.13 -16.99
CA ALA B 249 -16.43 21.01 -16.90
C ALA B 249 -17.54 20.31 -16.09
N THR B 250 -17.73 18.99 -16.31
CA THR B 250 -18.73 18.17 -15.61
C THR B 250 -18.41 18.17 -14.09
N TYR B 251 -17.13 18.02 -13.74
CA TYR B 251 -16.66 18.02 -12.35
C TYR B 251 -17.00 19.38 -11.69
N LEU B 252 -16.64 20.48 -12.36
CA LEU B 252 -16.85 21.83 -11.82
C LEU B 252 -18.32 22.21 -11.70
N ASN B 253 -19.16 21.83 -12.69
CA ASN B 253 -20.61 22.11 -12.65
C ASN B 253 -21.24 21.33 -11.49
N PHE B 254 -20.78 20.09 -11.27
CA PHE B 254 -21.26 19.25 -10.17
C PHE B 254 -20.97 19.92 -8.82
N CYS B 255 -19.74 20.41 -8.62
CA CYS B 255 -19.33 21.04 -7.36
C CYS B 255 -20.07 22.32 -7.07
N ARG B 256 -20.30 23.13 -8.11
CA ARG B 256 -21.06 24.40 -8.05
C ARG B 256 -22.55 24.18 -7.80
N SER B 257 -23.09 22.97 -8.13
CA SER B 257 -24.51 22.64 -7.95
CA SER B 257 -24.51 22.69 -7.92
C SER B 257 -24.80 22.03 -6.56
N LEU B 258 -23.75 21.72 -5.78
CA LEU B 258 -23.94 21.16 -4.43
C LEU B 258 -24.52 22.22 -3.50
N ARG B 259 -25.46 21.80 -2.63
CA ARG B 259 -26.06 22.68 -1.64
C ARG B 259 -25.10 22.72 -0.45
N PHE B 260 -25.23 23.74 0.39
CA PHE B 260 -24.36 23.96 1.54
C PHE B 260 -24.02 22.70 2.34
N ASP B 261 -25.03 21.94 2.78
CA ASP B 261 -24.81 20.77 3.63
C ASP B 261 -24.77 19.42 2.90
N ASP B 262 -24.81 19.43 1.57
CA ASP B 262 -24.78 18.23 0.73
C ASP B 262 -23.53 17.38 0.89
N LYS B 263 -23.73 16.06 0.95
CA LYS B 263 -22.62 15.13 0.97
C LYS B 263 -22.24 14.95 -0.51
N PRO B 264 -21.01 15.30 -0.92
CA PRO B 264 -20.65 15.14 -2.34
C PRO B 264 -20.55 13.68 -2.74
N ASP B 265 -20.79 13.38 -4.02
CA ASP B 265 -20.64 12.01 -4.51
C ASP B 265 -19.18 11.88 -5.02
N TYR B 266 -18.23 11.56 -4.11
CA TYR B 266 -16.79 11.43 -4.41
C TYR B 266 -16.48 10.33 -5.40
N SER B 267 -17.20 9.22 -5.28
CA SER B 267 -17.10 8.03 -6.14
C SER B 267 -17.43 8.40 -7.58
N TYR B 268 -18.50 9.18 -7.78
CA TYR B 268 -18.93 9.66 -9.11
C TYR B 268 -17.82 10.54 -9.73
N LEU B 269 -17.30 11.51 -8.96
CA LEU B 269 -16.25 12.43 -9.41
C LEU B 269 -14.99 11.67 -9.78
N ARG B 270 -14.54 10.73 -8.94
CA ARG B 270 -13.36 9.92 -9.25
C ARG B 270 -13.56 9.07 -10.51
N GLN B 271 -14.78 8.50 -10.66
CA GLN B 271 -15.10 7.63 -11.78
C GLN B 271 -15.11 8.38 -13.11
N LEU B 272 -15.53 9.68 -13.12
CA LEU B 272 -15.50 10.53 -14.31
C LEU B 272 -14.09 10.53 -14.87
N PHE B 273 -13.09 10.77 -13.99
CA PHE B 273 -11.69 10.83 -14.39
C PHE B 273 -11.10 9.45 -14.70
N ARG B 274 -11.47 8.42 -13.94
CA ARG B 274 -11.00 7.03 -14.20
C ARG B 274 -11.53 6.54 -15.58
N ASN B 275 -12.77 6.87 -15.93
CA ASN B 275 -13.36 6.49 -17.22
C ASN B 275 -12.63 7.20 -18.36
N LEU B 276 -12.27 8.48 -18.17
CA LEU B 276 -11.52 9.22 -19.18
C LEU B 276 -10.11 8.61 -19.32
N PHE B 277 -9.46 8.22 -18.19
CA PHE B 277 -8.13 7.61 -18.21
C PHE B 277 -8.18 6.32 -19.04
N HIS B 278 -9.23 5.51 -18.85
CA HIS B 278 -9.41 4.26 -19.58
C HIS B 278 -9.66 4.53 -21.07
N ARG B 279 -10.55 5.50 -21.40
CA ARG B 279 -10.85 5.82 -22.81
C ARG B 279 -9.59 6.31 -23.57
N GLN B 280 -8.75 7.07 -22.88
CA GLN B 280 -7.50 7.60 -23.45
C GLN B 280 -6.45 6.56 -23.77
N GLY B 281 -6.51 5.38 -23.13
CA GLY B 281 -5.54 4.33 -23.37
C GLY B 281 -4.17 4.58 -22.75
N PHE B 282 -4.12 5.40 -21.68
CA PHE B 282 -2.90 5.64 -20.90
C PHE B 282 -2.49 4.33 -20.21
N SER B 283 -1.17 4.09 -20.08
CA SER B 283 -0.69 2.88 -19.41
C SER B 283 -0.97 3.00 -17.93
N TYR B 284 -1.35 1.87 -17.31
CA TYR B 284 -1.62 1.81 -15.86
C TYR B 284 -0.28 1.50 -15.19
N ASP B 285 0.77 2.27 -15.54
CA ASP B 285 2.11 2.12 -14.97
C ASP B 285 2.32 3.11 -13.82
N TYR B 286 1.34 4.02 -13.57
CA TYR B 286 1.33 5.02 -12.47
C TYR B 286 2.57 5.95 -12.48
N VAL B 287 3.16 6.16 -13.66
CA VAL B 287 4.32 7.03 -13.93
C VAL B 287 3.86 8.51 -14.16
N PHE B 288 4.23 9.41 -13.24
CA PHE B 288 3.95 10.84 -13.32
C PHE B 288 4.94 11.49 -14.28
N ASP B 289 4.62 12.72 -14.86
CA ASP B 289 5.50 13.46 -15.81
C ASP B 289 6.97 13.53 -15.35
N TRP B 290 7.20 13.94 -14.07
CA TRP B 290 8.54 14.15 -13.48
C TRP B 290 9.37 12.88 -13.33
N ASN B 291 8.72 11.72 -13.34
CA ASN B 291 9.45 10.48 -13.26
C ASN B 291 9.56 9.88 -14.68
N3 1QJ C . -1.09 -32.51 0.30
C4 1QJ C . -0.73 -32.00 -5.54
N2 1QJ C . -1.71 -27.64 -3.93
C7 1QJ C . -1.37 -28.91 -3.55
C6 1QJ C . -0.75 -29.83 -4.48
C9 1QJ C . -2.36 -27.95 -1.76
C13 1QJ C . -2.19 -31.74 0.42
C8 1QJ C . -1.76 -29.14 -2.20
C1 1QJ C . 0.27 -29.39 -5.32
C2 1QJ C . 0.81 -30.25 -6.27
C3 1QJ C . 0.29 -31.55 -6.37
C5 1QJ C . -1.24 -31.14 -4.59
N1 1QJ C . -2.31 -27.09 -2.84
C10 1QJ C . -1.54 -30.31 -1.39
C11 1QJ C . -0.41 -31.10 -1.55
C12 1QJ C . -0.23 -32.19 -0.69
C14 1QJ C . -2.48 -30.64 -0.40
C15 1QJ C . -3.17 -32.08 1.53
O1 1QJ C . -3.18 -31.04 2.47
F1 1QJ C . 0.79 -32.37 -7.28
H4 1QJ C . -1.11 -33.02 -5.63
H6 1QJ C . -2.80 -27.70 -0.79
H2 1QJ C . 0.65 -28.37 -5.23
H3 1QJ C . 1.62 -29.92 -6.92
H5 1QJ C . -2.04 -31.46 -3.91
H1 1QJ C . -2.65 -26.13 -2.89
H7 1QJ C . 0.33 -30.86 -2.33
H8 1QJ C . 0.65 -32.83 -0.77
H9 1QJ C . -3.39 -30.06 -0.25
H10 1QJ C . -2.97 -33.08 1.97
H11 1QJ C . -4.22 -32.12 1.14
H12 1QJ C . -2.33 -31.04 2.90
S SO4 D . -7.98 -8.83 0.97
O1 SO4 D . -7.97 -8.40 -0.39
O2 SO4 D . -6.61 -8.70 1.47
O3 SO4 D . -8.88 -8.07 1.78
O4 SO4 D . -8.42 -10.21 1.01
S SO4 E . 7.23 -12.97 -15.75
O1 SO4 E . 6.45 -12.15 -16.68
O2 SO4 E . 7.98 -12.10 -14.82
O3 SO4 E . 6.26 -13.81 -15.05
O4 SO4 E . 8.16 -13.84 -16.43
C1 EDO F . 16.96 -0.84 -5.50
O1 EDO F . 17.72 -1.82 -6.20
C2 EDO F . 15.80 -0.32 -6.38
O2 EDO F . 14.84 -1.35 -6.57
H11 EDO F . 16.59 -1.20 -4.54
H12 EDO F . 17.67 -0.04 -5.30
HO1 EDO F . 18.64 -1.81 -5.82
H21 EDO F . 15.25 0.48 -5.86
H22 EDO F . 16.16 0.11 -7.31
HO2 EDO F . 14.22 -1.05 -7.29
N3 1QJ G . 7.83 17.18 4.79
C4 1QJ G . 5.80 19.34 10.03
N2 1QJ G . 3.85 21.97 6.57
C7 1QJ G . 4.62 20.86 6.83
C6 1QJ G . 4.59 20.25 8.14
C9 1QJ G . 5.12 21.52 4.73
C13 1QJ G . 8.08 18.40 4.24
C8 1QJ G . 5.42 20.55 5.68
C1 1QJ G . 3.40 20.21 8.86
C2 1QJ G . 3.39 19.74 10.16
C3 1QJ G . 4.59 19.32 10.74
C5 1QJ G . 5.78 19.81 8.72
N1 1QJ G . 4.17 22.35 5.31
C10 1QJ G . 6.29 19.43 5.45
C11 1QJ G . 6.02 18.19 6.04
C12 1QJ G . 6.83 17.10 5.68
C14 1QJ G . 7.35 19.54 4.55
C15 1QJ G . 9.16 18.45 3.18
O1 1QJ G . 8.56 18.43 1.92
F1 1QJ G . 4.59 18.87 11.99
H4 1QJ G . 6.72 19.00 10.50
H6 1QJ G . 5.51 21.67 3.73
H2 1QJ G . 2.46 20.55 8.40
H3 1QJ G . 2.45 19.69 10.73
H5 1QJ G . 6.71 19.84 8.15
H1 1QJ G . 3.72 23.16 4.91
H7 1QJ G . 5.19 18.07 6.73
H8 1QJ G . 6.66 16.11 6.11
H9 1QJ G . 7.61 20.49 4.09
H10 1QJ G . 9.91 17.64 3.30
H11 1QJ G . 9.70 19.41 3.21
H12 1QJ G . 8.18 17.55 1.79
S SO4 H . -23.64 13.53 5.99
O1 SO4 H . -24.48 12.50 6.71
O2 SO4 H . -22.74 14.22 6.92
O3 SO4 H . -22.82 12.84 5.01
O4 SO4 H . -24.51 14.50 5.28
S SO4 I . -27.56 26.53 -0.63
O1 SO4 I . -27.09 27.67 0.11
O2 SO4 I . -27.85 25.42 0.25
O3 SO4 I . -28.77 26.94 -1.32
O4 SO4 I . -26.56 26.15 -1.62
S SO4 J . -13.89 30.46 11.01
O1 SO4 J . -14.26 31.83 11.40
O2 SO4 J . -12.48 30.49 10.59
O3 SO4 J . -14.05 29.54 12.10
O4 SO4 J . -14.75 30.03 9.91
S SO4 K . -19.41 9.14 6.45
O1 SO4 K . -20.19 10.36 6.29
O2 SO4 K . -18.22 9.40 7.26
O3 SO4 K . -20.24 8.12 7.08
O4 SO4 K . -18.99 8.67 5.12
S SO4 L . -11.05 1.30 -13.04
O1 SO4 L . -11.17 0.11 -13.84
O2 SO4 L . -9.78 1.89 -13.33
O3 SO4 L . -12.12 2.25 -13.30
O4 SO4 L . -11.18 1.00 -11.63
S SO4 M . -2.39 35.35 -8.09
O1 SO4 M . -2.54 36.30 -9.21
O2 SO4 M . -2.75 35.97 -6.83
O3 SO4 M . -3.27 34.20 -8.28
O4 SO4 M . -1.02 34.88 -8.04
#